data_3TKT
#
_entry.id   3TKT
#
_cell.length_a   93.979
_cell.length_b   93.979
_cell.length_c   299.366
_cell.angle_alpha   90.00
_cell.angle_beta   90.00
_cell.angle_gamma   120.00
#
_symmetry.space_group_name_H-M   'H 3 2'
#
loop_
_entity.id
_entity.type
_entity.pdbx_description
1 polymer 'Cytochrome P450'
2 non-polymer 'PROTOPORPHYRIN IX CONTAINING FE'
3 water water
#
_entity_poly.entity_id   1
_entity_poly.type   'polypeptide(L)'
_entity_poly.pdbx_seq_one_letter_code
;MGSSHHHHHHSSGLVPRGSHMDSIPMVPAEVGRAVIDPKSYGTWEPLLDRFDALRAEAPVAKVVAPDDEHEPFWLVSSFD
GVMKASKDNATFLNNPKSTVFTLRVGEMMAKAITGGSPHLVESLVQMDAPKHPKLRRLTQDWFMPKNLARLDGEIRKIAN
EAIDRMLGAGEEGDFMALVAAPYPLHVVMQILGVPPEDEPKMLFLTQQMFGGQDEDMNKSGLKDLPPEQISQIVAGAVAE
FERYFAGLAAERRRNPTDDVATVIANAVVDGEPMSDRDTAGYYIITASAGHDTTSASSAGAALALARDPDLFARVKADRN
LLPGIVEEAIRWTTPVQHFMRTAATDTELCGQKIAAGDWLMLNYVAANHDPAQFPEPRKFDPTRPANRHLAFGAGSHQCL
GLHLARLEMRVLLDVLLDRVDSLELAGEPKRVNSTFVGGFKSLPMRWKAA
;
_entity_poly.pdbx_strand_id   A
#
loop_
_chem_comp.id
_chem_comp.type
_chem_comp.name
_chem_comp.formula
HEM non-polymer 'PROTOPORPHYRIN IX CONTAINING FE' 'C34 H32 Fe N4 O4'
#
# COMPACT_ATOMS: atom_id res chain seq x y z
N ILE A 24 20.65 -24.47 3.90
CA ILE A 24 20.28 -23.02 3.73
C ILE A 24 20.61 -22.51 2.31
N PRO A 25 19.60 -22.48 1.44
CA PRO A 25 19.76 -21.90 0.12
C PRO A 25 20.04 -20.42 0.23
N MET A 26 20.93 -19.92 -0.61
CA MET A 26 21.33 -18.54 -0.55
C MET A 26 20.85 -17.94 -1.82
N VAL A 27 20.26 -16.78 -1.72
CA VAL A 27 20.05 -15.90 -2.88
C VAL A 27 21.44 -15.57 -3.56
N PRO A 28 21.52 -15.59 -4.93
CA PRO A 28 22.78 -15.14 -5.63
C PRO A 28 23.15 -13.71 -5.24
N ALA A 29 24.44 -13.41 -5.10
CA ALA A 29 24.86 -12.09 -4.58
C ALA A 29 24.21 -10.84 -5.24
N GLU A 30 24.15 -10.83 -6.58
CA GLU A 30 23.60 -9.70 -7.35
C GLU A 30 22.13 -9.47 -7.00
N VAL A 31 21.39 -10.56 -6.87
CA VAL A 31 19.99 -10.51 -6.49
C VAL A 31 19.80 -10.00 -5.05
N GLY A 32 20.61 -10.49 -4.12
CA GLY A 32 20.58 -9.97 -2.75
C GLY A 32 20.82 -8.46 -2.71
N ARG A 33 21.80 -7.96 -3.49
CA ARG A 33 22.00 -6.50 -3.66
C ARG A 33 20.74 -5.83 -4.24
N ALA A 34 20.19 -6.40 -5.29
CA ALA A 34 19.07 -5.79 -6.00
C ALA A 34 17.77 -5.71 -5.21
N VAL A 35 17.40 -6.79 -4.50
CA VAL A 35 16.10 -6.86 -3.83
C VAL A 35 15.90 -5.77 -2.78
N ILE A 36 16.99 -5.32 -2.18
CA ILE A 36 16.94 -4.28 -1.13
C ILE A 36 17.17 -2.87 -1.68
N ASP A 37 17.42 -2.73 -2.99
CA ASP A 37 17.77 -1.42 -3.53
C ASP A 37 16.53 -0.69 -4.03
N PRO A 38 16.26 0.53 -3.50
CA PRO A 38 15.08 1.27 -4.01
C PRO A 38 15.08 1.42 -5.52
N LYS A 39 16.26 1.59 -6.12
CA LYS A 39 16.34 1.80 -7.58
C LYS A 39 15.96 0.54 -8.38
N SER A 40 16.02 -0.63 -7.75
CA SER A 40 15.51 -1.84 -8.42
C SER A 40 14.01 -1.74 -8.67
N TYR A 41 13.31 -1.02 -7.80
CA TYR A 41 11.87 -0.91 -7.95
C TYR A 41 11.49 0.17 -8.92
N GLY A 42 12.31 1.22 -9.00
CA GLY A 42 12.12 2.26 -10.03
C GLY A 42 12.31 1.68 -11.45
N THR A 43 13.35 0.88 -11.58
CA THR A 43 13.76 0.18 -12.80
C THR A 43 12.76 -0.99 -13.18
N TRP A 44 12.36 -1.75 -12.16
CA TRP A 44 11.26 -2.74 -12.26
C TRP A 44 11.64 -4.01 -13.08
N GLU A 45 11.77 -3.87 -14.42
CA GLU A 45 12.00 -5.00 -15.35
C GLU A 45 13.20 -5.88 -14.97
N PRO A 46 14.38 -5.29 -14.75
CA PRO A 46 15.45 -6.19 -14.38
C PRO A 46 15.14 -6.98 -13.10
N LEU A 47 14.52 -6.35 -12.12
CA LEU A 47 14.16 -7.06 -10.90
C LEU A 47 13.18 -8.22 -11.17
N LEU A 48 12.18 -7.98 -12.01
CA LEU A 48 11.26 -9.03 -12.39
C LEU A 48 12.00 -10.24 -12.92
N ASP A 49 12.94 -10.02 -13.83
CA ASP A 49 13.76 -11.11 -14.38
C ASP A 49 14.53 -11.84 -13.29
N ARG A 50 15.12 -11.09 -12.36
CA ARG A 50 15.82 -11.76 -11.27
C ARG A 50 14.86 -12.64 -10.42
N PHE A 51 13.64 -12.18 -10.18
CA PHE A 51 12.65 -13.04 -9.53
C PHE A 51 12.28 -14.29 -10.33
N ASP A 52 12.19 -14.18 -11.66
CA ASP A 52 11.87 -15.36 -12.49
C ASP A 52 12.90 -16.49 -12.24
N ALA A 53 14.17 -16.11 -12.27
CA ALA A 53 15.30 -17.04 -12.06
C ALA A 53 15.37 -17.53 -10.63
N LEU A 54 15.21 -16.63 -9.65
CA LEU A 54 15.26 -17.05 -8.23
C LEU A 54 14.12 -17.97 -7.79
N ARG A 55 12.88 -17.59 -8.09
CA ARG A 55 11.69 -18.27 -7.59
C ARG A 55 11.63 -19.73 -8.02
N ALA A 56 12.16 -20.00 -9.21
CA ALA A 56 12.15 -21.34 -9.78
C ALA A 56 13.20 -22.23 -9.12
N GLU A 57 14.32 -21.65 -8.67
CA GLU A 57 15.42 -22.42 -8.07
C GLU A 57 15.29 -22.55 -6.56
N ALA A 58 14.80 -21.47 -5.93
CA ALA A 58 14.81 -21.39 -4.47
C ALA A 58 13.83 -20.32 -3.98
N PRO A 59 12.50 -20.61 -3.97
CA PRO A 59 11.44 -19.65 -3.56
C PRO A 59 11.54 -19.14 -2.09
N VAL A 60 12.38 -19.77 -1.28
CA VAL A 60 12.64 -19.34 0.10
C VAL A 60 14.17 -19.42 0.26
N ALA A 61 14.80 -18.26 0.20
CA ALA A 61 16.27 -18.24 0.16
C ALA A 61 16.76 -17.07 0.99
N LYS A 62 17.92 -17.28 1.61
CA LYS A 62 18.48 -16.34 2.60
C LYS A 62 19.19 -15.19 1.92
N VAL A 63 18.92 -13.95 2.35
CA VAL A 63 19.65 -12.78 1.85
C VAL A 63 20.55 -12.33 2.99
N VAL A 64 21.85 -12.28 2.75
CA VAL A 64 22.85 -11.87 3.73
C VAL A 64 23.72 -10.83 3.04
N ALA A 65 23.86 -9.63 3.63
CA ALA A 65 24.71 -8.57 3.07
C ALA A 65 26.21 -8.86 3.29
N PRO A 66 27.02 -8.84 2.20
CA PRO A 66 28.46 -9.00 2.43
C PRO A 66 29.05 -8.04 3.45
N ASP A 67 28.62 -6.79 3.55
CA ASP A 67 29.11 -6.07 4.75
C ASP A 67 28.11 -5.67 5.83
N ASP A 68 27.07 -6.51 5.98
CA ASP A 68 26.28 -6.54 7.20
C ASP A 68 25.50 -5.24 7.46
N GLU A 69 25.06 -4.58 6.38
CA GLU A 69 24.33 -3.32 6.47
C GLU A 69 22.87 -3.56 6.84
N HIS A 70 22.43 -4.80 6.77
CA HIS A 70 21.09 -5.16 7.23
C HIS A 70 21.15 -6.52 7.90
N GLU A 71 20.20 -6.78 8.77
CA GLU A 71 20.06 -8.09 9.35
C GLU A 71 19.66 -9.08 8.26
N PRO A 72 20.11 -10.34 8.38
CA PRO A 72 19.70 -11.34 7.39
C PRO A 72 18.17 -11.60 7.37
N PHE A 73 17.65 -11.98 6.21
CA PHE A 73 16.24 -12.37 6.11
C PHE A 73 16.07 -13.43 5.00
N TRP A 74 14.97 -14.18 5.06
CA TRP A 74 14.54 -15.07 3.98
C TRP A 74 13.68 -14.23 3.02
N LEU A 75 14.07 -14.26 1.73
CA LEU A 75 13.27 -13.74 0.66
C LEU A 75 12.31 -14.84 0.24
N VAL A 76 11.02 -14.56 0.37
CA VAL A 76 9.96 -15.45 -0.13
C VAL A 76 9.47 -14.89 -1.48
N SER A 77 9.70 -15.65 -2.55
CA SER A 77 9.53 -15.10 -3.90
C SER A 77 8.48 -15.76 -4.77
N SER A 78 7.80 -16.79 -4.29
CA SER A 78 6.75 -17.44 -5.08
C SER A 78 5.38 -17.08 -4.51
N PHE A 79 4.35 -17.20 -5.34
CA PHE A 79 2.98 -16.90 -4.91
C PHE A 79 2.63 -17.83 -3.76
N ASP A 80 2.91 -19.11 -3.96
CA ASP A 80 2.58 -20.12 -2.98
C ASP A 80 3.28 -19.85 -1.63
N GLY A 81 4.55 -19.43 -1.67
CA GLY A 81 5.30 -19.13 -0.43
C GLY A 81 4.70 -17.96 0.31
N VAL A 82 4.37 -16.90 -0.44
CA VAL A 82 3.84 -15.70 0.19
C VAL A 82 2.44 -15.99 0.75
N MET A 83 1.71 -16.83 0.04
CA MET A 83 0.35 -17.14 0.41
C MET A 83 0.32 -17.94 1.73
N LYS A 84 1.19 -18.93 1.84
CA LYS A 84 1.23 -19.77 3.03
C LYS A 84 1.80 -19.00 4.22
N ALA A 85 2.88 -18.26 3.96
CA ALA A 85 3.44 -17.41 4.99
C ALA A 85 2.39 -16.41 5.50
N SER A 86 1.58 -15.84 4.59
CA SER A 86 0.58 -14.81 4.91
C SER A 86 -0.56 -15.33 5.76
N LYS A 87 -0.96 -16.56 5.50
CA LYS A 87 -2.12 -17.18 6.15
C LYS A 87 -1.77 -17.75 7.54
N ASP A 88 -0.50 -18.08 7.73
CA ASP A 88 -0.06 -18.63 8.99
C ASP A 88 0.39 -17.54 9.97
N ASN A 89 -0.58 -16.79 10.49
CA ASN A 89 -0.27 -15.67 11.33
C ASN A 89 0.20 -16.08 12.72
N ALA A 90 -0.10 -17.32 13.10
CA ALA A 90 0.39 -17.89 14.37
C ALA A 90 1.90 -18.09 14.31
N THR A 91 2.42 -18.44 13.16
CA THR A 91 3.85 -18.75 13.02
C THR A 91 4.66 -17.54 12.55
N PHE A 92 4.05 -16.72 11.68
CA PHE A 92 4.75 -15.59 11.08
C PHE A 92 4.17 -14.27 11.62
N LEU A 93 4.95 -13.66 12.52
CA LEU A 93 4.49 -12.53 13.34
C LEU A 93 4.91 -11.17 12.79
N ASN A 94 4.08 -10.15 13.07
CA ASN A 94 4.37 -8.74 12.63
C ASN A 94 5.07 -7.90 13.67
N ASN A 95 4.94 -8.27 14.93
CA ASN A 95 5.41 -7.39 16.01
C ASN A 95 6.89 -7.48 16.38
N PRO A 96 7.47 -8.70 16.43
CA PRO A 96 8.86 -8.77 16.98
C PRO A 96 9.92 -7.92 16.28
N LYS A 97 9.79 -7.72 14.99
CA LYS A 97 10.79 -6.99 14.26
C LYS A 97 10.10 -6.07 13.32
N SER A 98 10.83 -5.06 12.88
CA SER A 98 10.33 -4.12 11.92
C SER A 98 9.50 -4.84 10.83
N THR A 99 8.34 -4.28 10.51
CA THR A 99 7.38 -4.88 9.57
C THR A 99 7.75 -4.48 8.13
N VAL A 100 8.70 -3.56 7.99
CA VAL A 100 9.19 -3.24 6.65
C VAL A 100 10.70 -3.40 6.61
N PHE A 101 11.23 -3.81 5.48
CA PHE A 101 12.65 -3.93 5.36
C PHE A 101 13.32 -2.59 5.68
N THR A 102 14.41 -2.65 6.41
CA THR A 102 15.20 -1.46 6.71
C THR A 102 16.65 -1.89 6.90
N LEU A 103 17.59 -1.00 6.56
CA LEU A 103 19.01 -1.22 6.88
C LEU A 103 19.20 -1.05 8.40
N ARG A 104 20.31 -1.58 8.94
CA ARG A 104 20.60 -1.43 10.40
C ARG A 104 20.52 0.02 10.92
N VAL A 105 21.05 0.96 10.16
CA VAL A 105 21.01 2.36 10.53
C VAL A 105 19.57 2.89 10.73
N GLY A 106 18.67 2.58 9.77
CA GLY A 106 17.25 2.93 9.91
C GLY A 106 16.58 2.29 11.11
N GLU A 107 16.96 1.06 11.40
CA GLU A 107 16.40 0.42 12.57
C GLU A 107 16.81 1.14 13.85
N MET A 108 18.06 1.61 13.89
CA MET A 108 18.61 2.33 15.05
C MET A 108 17.92 3.64 15.18
N MET A 109 17.84 4.36 14.07
CA MET A 109 17.10 5.60 14.00
C MET A 109 15.66 5.46 14.54
N ALA A 110 14.93 4.41 14.12
CA ALA A 110 13.57 4.12 14.61
C ALA A 110 13.53 3.90 16.10
N LYS A 111 14.47 3.09 16.62
CA LYS A 111 14.56 2.79 18.04
C LYS A 111 14.97 4.00 18.89
N ALA A 112 15.84 4.87 18.37
CA ALA A 112 16.17 6.10 19.10
C ALA A 112 14.95 7.04 19.18
N ILE A 113 14.20 7.14 18.08
CA ILE A 113 12.95 7.91 17.99
C ILE A 113 11.84 7.47 18.94
N THR A 114 11.74 6.16 19.22
CA THR A 114 10.64 5.58 20.02
C THR A 114 11.06 5.13 21.39
N GLY A 115 12.36 5.18 21.68
CA GLY A 115 12.84 4.63 22.94
C GLY A 115 12.79 3.10 22.97
N GLY A 116 13.04 2.47 21.82
CA GLY A 116 13.38 1.04 21.81
C GLY A 116 12.54 0.10 20.97
N SER A 117 11.38 0.58 20.46
CA SER A 117 10.57 -0.24 19.58
C SER A 117 11.10 -0.03 18.16
N PRO A 118 11.03 -1.08 17.30
CA PRO A 118 11.42 -0.85 15.89
C PRO A 118 10.33 -0.13 15.08
N HIS A 119 9.12 -0.05 15.64
CA HIS A 119 7.96 0.54 14.95
C HIS A 119 7.81 2.03 15.30
N LEU A 120 7.98 2.88 14.30
CA LEU A 120 7.84 4.32 14.47
C LEU A 120 6.55 4.65 15.19
N VAL A 121 5.44 4.25 14.58
CA VAL A 121 4.19 4.21 15.30
C VAL A 121 3.78 2.75 15.37
N GLU A 122 3.02 2.40 16.39
CA GLU A 122 2.69 1.04 16.61
C GLU A 122 1.20 0.98 16.38
N SER A 123 0.83 0.51 15.20
CA SER A 123 -0.58 0.49 14.82
C SER A 123 -0.92 -0.92 14.41
N LEU A 124 -2.15 -1.07 13.93
CA LEU A 124 -2.73 -2.33 13.49
C LEU A 124 -1.71 -3.25 12.84
N VAL A 125 -1.01 -2.74 11.81
CA VAL A 125 -0.16 -3.59 10.98
C VAL A 125 1.10 -4.16 11.68
N GLN A 126 1.47 -3.54 12.82
CA GLN A 126 2.62 -3.91 13.63
C GLN A 126 2.27 -4.77 14.83
N MET A 127 0.98 -5.07 15.01
CA MET A 127 0.49 -5.91 16.10
C MET A 127 0.24 -7.37 15.71
N ASP A 128 0.34 -8.25 16.70
CA ASP A 128 -0.13 -9.64 16.57
C ASP A 128 -1.28 -9.89 17.56
N ALA A 129 -1.92 -11.05 17.44
CA ALA A 129 -2.82 -11.56 18.46
C ALA A 129 -2.18 -11.56 19.86
N PRO A 130 -2.97 -11.35 20.91
CA PRO A 130 -4.43 -11.16 20.88
C PRO A 130 -4.88 -9.71 20.62
N LYS A 131 -3.97 -8.74 20.73
CA LYS A 131 -4.37 -7.36 20.57
C LYS A 131 -4.84 -7.00 19.12
N HIS A 132 -4.16 -7.55 18.11
CA HIS A 132 -4.46 -7.23 16.73
C HIS A 132 -5.93 -7.43 16.32
N PRO A 133 -6.47 -8.64 16.49
CA PRO A 133 -7.84 -8.82 16.03
C PRO A 133 -8.87 -7.97 16.76
N LYS A 134 -8.61 -7.63 18.04
CA LYS A 134 -9.52 -6.77 18.79
C LYS A 134 -9.63 -5.37 18.16
N LEU A 135 -8.48 -4.81 17.79
CA LEU A 135 -8.46 -3.49 17.17
C LEU A 135 -8.93 -3.50 15.70
N ARG A 136 -8.53 -4.54 14.97
CA ARG A 136 -8.95 -4.72 13.57
C ARG A 136 -10.47 -4.84 13.45
N ARG A 137 -11.06 -5.71 14.28
CA ARG A 137 -12.51 -5.91 14.29
C ARG A 137 -13.29 -4.60 14.47
N LEU A 138 -12.69 -3.59 15.12
CA LEU A 138 -13.36 -2.30 15.34
C LEU A 138 -13.90 -1.66 14.04
N THR A 139 -13.13 -1.71 12.96
CA THR A 139 -13.52 -0.98 11.75
C THR A 139 -13.92 -1.90 10.62
N GLN A 140 -13.92 -3.20 10.88
CA GLN A 140 -14.18 -4.22 9.88
C GLN A 140 -15.52 -4.03 9.16
N ASP A 141 -16.59 -3.78 9.93
CA ASP A 141 -17.91 -3.53 9.33
C ASP A 141 -17.90 -2.29 8.45
N TRP A 142 -17.29 -1.20 8.95
CA TRP A 142 -17.23 0.05 8.19
C TRP A 142 -16.57 -0.16 6.82
N PHE A 143 -15.59 -1.04 6.76
CA PHE A 143 -14.83 -1.25 5.54
C PHE A 143 -15.45 -2.25 4.53
N MET A 144 -16.62 -2.80 4.85
CA MET A 144 -17.39 -3.72 3.95
C MET A 144 -18.01 -2.97 2.74
N PRO A 145 -18.12 -3.64 1.57
CA PRO A 145 -18.73 -3.02 0.38
C PRO A 145 -20.08 -2.36 0.70
N LYS A 146 -20.97 -3.11 1.34
CA LYS A 146 -22.28 -2.63 1.83
C LYS A 146 -22.21 -1.21 2.38
N ASN A 147 -21.39 -1.02 3.41
CA ASN A 147 -21.26 0.28 4.06
C ASN A 147 -20.57 1.31 3.16
N LEU A 148 -19.50 0.90 2.48
CA LEU A 148 -18.77 1.84 1.62
C LEU A 148 -19.64 2.44 0.51
N ALA A 149 -20.62 1.67 0.02
CA ALA A 149 -21.53 2.15 -1.06
C ALA A 149 -22.26 3.44 -0.70
N ARG A 150 -22.34 3.73 0.58
CA ARG A 150 -22.86 5.00 1.10
C ARG A 150 -21.92 6.20 0.82
N LEU A 151 -20.66 5.93 0.54
CA LEU A 151 -19.76 7.02 0.20
C LEU A 151 -19.63 7.29 -1.30
N ASP A 152 -20.41 6.61 -2.13
CA ASP A 152 -20.38 6.86 -3.60
C ASP A 152 -20.31 8.35 -4.00
N GLY A 153 -21.27 9.12 -3.48
CA GLY A 153 -21.38 10.53 -3.78
C GLY A 153 -20.15 11.32 -3.34
N GLU A 154 -19.70 11.06 -2.10
CA GLU A 154 -18.60 11.84 -1.51
C GLU A 154 -17.31 11.62 -2.31
N ILE A 155 -17.05 10.37 -2.66
CA ILE A 155 -15.92 10.00 -3.54
C ILE A 155 -16.06 10.55 -4.94
N ARG A 156 -17.25 10.37 -5.52
CA ARG A 156 -17.49 10.93 -6.86
C ARG A 156 -17.24 12.43 -6.86
N LYS A 157 -17.67 13.17 -5.84
CA LYS A 157 -17.39 14.60 -5.81
C LYS A 157 -15.85 14.85 -5.83
N ILE A 158 -15.09 14.07 -5.09
CA ILE A 158 -13.65 14.31 -5.05
C ILE A 158 -12.97 13.86 -6.34
N ALA A 159 -13.55 12.87 -7.03
CA ALA A 159 -13.01 12.47 -8.34
C ALA A 159 -13.26 13.58 -9.36
N ASN A 160 -14.46 14.20 -9.32
CA ASN A 160 -14.75 15.25 -10.30
C ASN A 160 -13.83 16.43 -10.09
N GLU A 161 -13.49 16.70 -8.84
CA GLU A 161 -12.54 17.75 -8.50
C GLU A 161 -11.15 17.45 -9.06
N ALA A 162 -10.71 16.21 -8.93
CA ALA A 162 -9.48 15.69 -9.52
C ALA A 162 -9.47 15.86 -11.05
N ILE A 163 -10.55 15.46 -11.71
CA ILE A 163 -10.61 15.58 -13.17
C ILE A 163 -10.75 17.04 -13.61
N ASP A 164 -11.46 17.87 -12.82
CA ASP A 164 -11.42 19.32 -13.00
C ASP A 164 -9.98 19.88 -13.08
N ARG A 165 -9.12 19.43 -12.19
CA ARG A 165 -7.72 19.88 -12.21
C ARG A 165 -7.01 19.41 -13.47
N MET A 166 -7.28 18.17 -13.85
CA MET A 166 -6.67 17.62 -15.04
C MET A 166 -7.00 18.48 -16.28
N LEU A 167 -8.30 18.63 -16.53
CA LEU A 167 -8.77 19.36 -17.69
C LEU A 167 -8.47 20.86 -17.61
N GLY A 168 -8.42 21.39 -16.38
CA GLY A 168 -8.05 22.79 -16.14
C GLY A 168 -6.62 23.08 -16.56
N ALA A 169 -5.77 22.04 -16.61
CA ALA A 169 -4.36 22.24 -17.00
C ALA A 169 -4.13 22.42 -18.53
N GLY A 170 -5.16 22.23 -19.35
CA GLY A 170 -4.98 22.32 -20.78
C GLY A 170 -5.21 20.93 -21.33
N GLU A 171 -4.43 20.55 -22.32
CA GLU A 171 -4.56 19.26 -22.97
C GLU A 171 -3.36 18.37 -22.66
N GLU A 172 -2.58 18.77 -21.65
CA GLU A 172 -1.30 18.14 -21.36
C GLU A 172 -0.88 18.44 -19.91
N GLY A 173 -0.31 17.44 -19.24
CA GLY A 173 0.25 17.65 -17.91
C GLY A 173 0.59 16.34 -17.22
N ASP A 174 1.02 16.43 -15.97
CA ASP A 174 1.50 15.26 -15.29
C ASP A 174 0.33 14.59 -14.56
N PHE A 175 -0.06 13.40 -15.00
CA PHE A 175 -1.19 12.71 -14.35
C PHE A 175 -0.98 12.54 -12.83
N MET A 176 0.26 12.33 -12.37
CA MET A 176 0.51 12.12 -10.92
C MET A 176 0.15 13.37 -10.15
N ALA A 177 0.82 14.48 -10.51
CA ALA A 177 0.72 15.76 -9.81
C ALA A 177 -0.73 16.21 -9.79
N LEU A 178 -1.41 16.06 -10.94
CA LEU A 178 -2.76 16.59 -11.12
C LEU A 178 -3.84 15.72 -10.52
N VAL A 179 -3.75 14.40 -10.72
CA VAL A 179 -4.82 13.47 -10.34
C VAL A 179 -4.40 12.39 -9.28
N ALA A 180 -3.52 11.47 -9.67
CA ALA A 180 -3.28 10.24 -8.86
C ALA A 180 -2.71 10.48 -7.48
N ALA A 181 -1.85 11.48 -7.32
CA ALA A 181 -1.22 11.73 -6.01
C ALA A 181 -2.18 12.37 -5.01
N PRO A 182 -2.82 13.51 -5.37
CA PRO A 182 -3.69 14.12 -4.35
C PRO A 182 -5.02 13.40 -4.11
N TYR A 183 -5.62 12.82 -5.15
CA TYR A 183 -6.99 12.29 -5.05
C TYR A 183 -7.25 11.32 -3.88
N PRO A 184 -6.49 10.22 -3.77
CA PRO A 184 -6.69 9.26 -2.67
C PRO A 184 -6.43 9.88 -1.28
N LEU A 185 -5.57 10.89 -1.24
CA LEU A 185 -5.33 11.59 0.01
C LEU A 185 -6.54 12.45 0.36
N HIS A 186 -7.12 13.10 -0.63
CA HIS A 186 -8.37 13.81 -0.38
C HIS A 186 -9.45 12.85 0.10
N VAL A 187 -9.58 11.70 -0.55
CA VAL A 187 -10.59 10.72 -0.10
C VAL A 187 -10.30 10.33 1.40
N VAL A 188 -9.04 10.05 1.74
CA VAL A 188 -8.79 9.60 3.09
C VAL A 188 -8.99 10.72 4.14
N MET A 189 -8.73 11.98 3.76
CA MET A 189 -9.06 13.13 4.62
C MET A 189 -10.52 13.22 4.89
N GLN A 190 -11.31 12.96 3.86
CA GLN A 190 -12.75 13.05 3.96
C GLN A 190 -13.30 11.98 4.93
N ILE A 191 -12.82 10.74 4.85
CA ILE A 191 -13.32 9.70 5.76
C ILE A 191 -12.73 9.80 7.18
N LEU A 192 -11.68 10.59 7.35
CA LEU A 192 -11.08 10.83 8.68
C LEU A 192 -11.50 12.18 9.31
N GLY A 193 -12.36 12.92 8.62
CA GLY A 193 -12.76 14.26 9.07
C GLY A 193 -11.58 15.24 9.17
N VAL A 194 -10.56 15.08 8.36
CA VAL A 194 -9.47 16.07 8.38
C VAL A 194 -9.88 17.33 7.63
N PRO A 195 -9.71 18.52 8.24
CA PRO A 195 -10.18 19.64 7.45
C PRO A 195 -9.23 19.96 6.29
N PRO A 196 -9.77 20.59 5.25
CA PRO A 196 -9.04 20.75 3.99
C PRO A 196 -7.76 21.56 4.18
N GLU A 197 -7.74 22.46 5.16
CA GLU A 197 -6.59 23.31 5.33
C GLU A 197 -5.43 22.54 5.92
N ASP A 198 -5.69 21.32 6.41
CA ASP A 198 -4.62 20.50 6.99
C ASP A 198 -3.94 19.53 6.00
N GLU A 199 -4.30 19.66 4.74
CA GLU A 199 -3.69 18.86 3.71
C GLU A 199 -2.13 18.85 3.69
N PRO A 200 -1.46 20.01 3.85
CA PRO A 200 0.02 19.85 3.83
C PRO A 200 0.61 19.13 5.05
N LYS A 201 -0.07 19.16 6.20
CA LYS A 201 0.28 18.27 7.34
C LYS A 201 0.10 16.75 7.00
N MET A 202 -1.02 16.40 6.34
CA MET A 202 -1.26 14.98 5.96
C MET A 202 -0.24 14.49 4.94
N LEU A 203 0.14 15.37 4.01
CA LEU A 203 1.15 15.04 3.01
C LEU A 203 2.47 14.84 3.68
N PHE A 204 2.86 15.75 4.59
CA PHE A 204 4.06 15.55 5.43
C PHE A 204 3.99 14.21 6.13
N LEU A 205 2.81 13.88 6.65
CA LEU A 205 2.63 12.62 7.32
C LEU A 205 2.92 11.41 6.40
N THR A 206 2.31 11.38 5.21
CA THR A 206 2.39 10.18 4.34
C THR A 206 3.62 10.24 3.41
N GLN A 207 4.03 11.46 3.03
CA GLN A 207 5.18 11.63 2.12
C GLN A 207 6.52 11.63 2.82
N GLN A 208 6.59 12.19 4.03
CA GLN A 208 7.87 12.27 4.71
C GLN A 208 8.06 11.38 5.91
N MET A 209 7.24 11.56 6.94
CA MET A 209 7.22 10.72 8.14
C MET A 209 7.23 9.24 7.76
N PHE A 210 6.30 8.83 6.91
CA PHE A 210 6.37 7.51 6.27
C PHE A 210 6.76 7.72 4.78
N GLY A 211 6.55 6.77 3.88
CA GLY A 211 7.00 7.05 2.49
C GLY A 211 8.51 6.87 2.30
N GLY A 212 8.93 6.77 1.03
CA GLY A 212 10.19 6.09 0.69
C GLY A 212 11.41 6.93 0.41
N GLN A 229 20.61 14.15 15.27
CA GLN A 229 19.54 14.90 15.97
C GLN A 229 18.28 15.05 15.11
N ILE A 230 18.24 14.39 13.96
CA ILE A 230 17.00 14.33 13.21
C ILE A 230 16.01 13.39 13.95
N SER A 231 16.54 12.63 14.91
CA SER A 231 15.72 11.76 15.73
C SER A 231 14.73 12.58 16.56
N GLN A 232 15.15 13.76 16.99
CA GLN A 232 14.36 14.52 17.95
C GLN A 232 13.29 15.33 17.26
N ILE A 233 13.57 15.71 16.02
CA ILE A 233 12.55 16.35 15.22
C ILE A 233 11.47 15.35 14.75
N VAL A 234 11.86 14.13 14.37
CA VAL A 234 10.86 13.10 14.08
C VAL A 234 10.08 12.71 15.34
N ALA A 235 10.76 12.54 16.48
CA ALA A 235 10.05 12.26 17.75
C ALA A 235 9.06 13.36 18.08
N GLY A 236 9.49 14.60 17.99
CA GLY A 236 8.58 15.75 18.15
C GLY A 236 7.37 15.70 17.22
N ALA A 237 7.61 15.62 15.91
CA ALA A 237 6.57 15.47 14.91
C ALA A 237 5.59 14.33 15.19
N VAL A 238 6.09 13.17 15.64
CA VAL A 238 5.19 12.05 15.94
C VAL A 238 4.23 12.51 17.05
N ALA A 239 4.81 13.06 18.12
CA ALA A 239 4.01 13.54 19.25
C ALA A 239 2.97 14.62 18.83
N GLU A 240 3.36 15.55 17.94
CA GLU A 240 2.38 16.52 17.43
C GLU A 240 1.23 15.82 16.68
N PHE A 241 1.53 14.78 15.92
CA PHE A 241 0.46 14.11 15.17
C PHE A 241 -0.49 13.42 16.08
N GLU A 242 0.04 12.86 17.16
CA GLU A 242 -0.76 12.18 18.12
C GLU A 242 -1.69 13.14 18.88
N ARG A 243 -1.16 14.29 19.29
CA ARG A 243 -1.96 15.30 19.92
C ARG A 243 -3.02 15.76 18.93
N TYR A 244 -2.63 16.00 17.67
CA TYR A 244 -3.57 16.47 16.64
C TYR A 244 -4.73 15.48 16.46
N PHE A 245 -4.40 14.20 16.30
CA PHE A 245 -5.45 13.17 16.08
C PHE A 245 -6.28 12.85 17.32
N ALA A 246 -5.70 13.06 18.50
CA ALA A 246 -6.44 12.89 19.75
C ALA A 246 -7.55 13.97 19.79
N GLY A 247 -7.28 15.15 19.25
CA GLY A 247 -8.29 16.21 19.26
C GLY A 247 -9.38 15.99 18.23
N LEU A 248 -8.98 15.60 17.02
CA LEU A 248 -9.92 15.17 16.03
C LEU A 248 -10.81 14.07 16.59
N ALA A 249 -10.24 13.09 17.29
CA ALA A 249 -11.08 12.02 17.83
C ALA A 249 -12.06 12.54 18.91
N ALA A 250 -11.60 13.51 19.71
CA ALA A 250 -12.47 14.14 20.76
C ALA A 250 -13.74 14.74 20.15
N GLU A 251 -13.56 15.42 19.03
CA GLU A 251 -14.68 16.02 18.30
C GLU A 251 -15.67 14.98 17.78
N ARG A 252 -15.16 13.86 17.27
CA ARG A 252 -16.02 12.78 16.75
C ARG A 252 -16.79 12.06 17.84
N ARG A 253 -16.32 12.18 19.09
CA ARG A 253 -17.04 11.61 20.23
C ARG A 253 -18.21 12.50 20.59
N ARG A 254 -18.03 13.80 20.40
CA ARG A 254 -19.13 14.73 20.59
C ARG A 254 -20.13 14.79 19.44
N ASN A 255 -19.64 14.64 18.22
CA ASN A 255 -20.46 14.86 17.03
C ASN A 255 -20.20 13.68 16.09
N PRO A 256 -20.74 12.48 16.44
CA PRO A 256 -20.48 11.27 15.67
C PRO A 256 -21.12 11.38 14.31
N THR A 257 -20.46 10.79 13.32
CA THR A 257 -20.94 10.85 11.96
C THR A 257 -20.87 9.49 11.30
N ASP A 258 -21.08 9.42 9.99
CA ASP A 258 -21.03 8.16 9.28
C ASP A 258 -19.63 7.68 8.85
N ASP A 259 -18.59 8.43 9.19
CA ASP A 259 -17.27 8.24 8.62
C ASP A 259 -16.44 7.29 9.48
N VAL A 260 -15.22 6.96 9.08
CA VAL A 260 -14.45 5.98 9.85
C VAL A 260 -13.79 6.60 11.07
N ALA A 261 -13.49 7.88 11.02
CA ALA A 261 -12.93 8.57 12.19
C ALA A 261 -13.88 8.35 13.38
N THR A 262 -15.18 8.45 13.14
CA THR A 262 -16.17 8.25 14.21
C THR A 262 -16.08 6.84 14.84
N VAL A 263 -15.92 5.83 13.99
CA VAL A 263 -15.77 4.45 14.46
C VAL A 263 -14.55 4.34 15.36
N ILE A 264 -13.43 4.89 14.93
CA ILE A 264 -12.18 4.82 15.69
C ILE A 264 -12.35 5.54 17.04
N ALA A 265 -12.95 6.72 16.98
CA ALA A 265 -12.96 7.65 18.09
C ALA A 265 -13.82 7.07 19.20
N ASN A 266 -14.89 6.39 18.78
CA ASN A 266 -15.87 5.86 19.73
C ASN A 266 -15.67 4.41 20.12
N ALA A 267 -14.52 3.85 19.80
CA ALA A 267 -14.28 2.42 20.01
C ALA A 267 -14.20 2.05 21.50
N VAL A 268 -14.69 0.86 21.80
CA VAL A 268 -14.56 0.27 23.11
C VAL A 268 -13.77 -1.02 22.96
N VAL A 269 -12.67 -1.11 23.69
CA VAL A 269 -11.83 -2.33 23.70
C VAL A 269 -11.71 -2.79 25.15
N ASP A 270 -12.19 -4.00 25.44
CA ASP A 270 -12.09 -4.59 26.79
C ASP A 270 -12.79 -3.68 27.78
N GLY A 271 -14.04 -3.31 27.46
CA GLY A 271 -14.85 -2.38 28.28
C GLY A 271 -14.36 -0.95 28.44
N GLU A 272 -13.26 -0.59 27.79
CA GLU A 272 -12.61 0.71 27.97
C GLU A 272 -12.39 1.44 26.63
N PRO A 273 -12.26 2.80 26.65
CA PRO A 273 -11.86 3.48 25.40
C PRO A 273 -10.41 3.15 25.07
N MET A 274 -10.03 3.31 23.81
CA MET A 274 -8.62 3.18 23.43
C MET A 274 -7.79 4.34 23.99
N SER A 275 -6.52 4.09 24.29
CA SER A 275 -5.59 5.15 24.61
C SER A 275 -5.48 6.12 23.41
N ASP A 276 -5.07 7.35 23.71
CA ASP A 276 -4.75 8.34 22.69
C ASP A 276 -3.68 7.87 21.69
N ARG A 277 -2.68 7.12 22.16
CA ARG A 277 -1.66 6.50 21.31
C ARG A 277 -2.28 5.56 20.27
N ASP A 278 -3.14 4.65 20.72
CA ASP A 278 -3.80 3.71 19.86
C ASP A 278 -4.80 4.42 18.95
N THR A 279 -5.58 5.34 19.50
CA THR A 279 -6.51 6.12 18.72
C THR A 279 -5.79 6.86 17.57
N ALA A 280 -4.71 7.58 17.91
CA ALA A 280 -3.88 8.28 16.94
C ALA A 280 -3.21 7.30 15.96
N GLY A 281 -2.73 6.17 16.49
CA GLY A 281 -2.17 5.12 15.65
C GLY A 281 -3.16 4.71 14.57
N TYR A 282 -4.43 4.58 14.94
CA TYR A 282 -5.48 4.19 13.95
C TYR A 282 -5.73 5.25 12.85
N TYR A 283 -5.75 6.54 13.22
CA TYR A 283 -5.84 7.59 12.21
C TYR A 283 -4.66 7.54 11.26
N ILE A 284 -3.47 7.40 11.85
CA ILE A 284 -2.20 7.44 11.14
C ILE A 284 -2.08 6.31 10.13
N ILE A 285 -2.39 5.08 10.53
CA ILE A 285 -2.36 3.95 9.59
C ILE A 285 -3.40 4.09 8.49
N THR A 286 -4.60 4.53 8.83
CA THR A 286 -5.61 4.72 7.78
C THR A 286 -5.08 5.66 6.70
N ALA A 287 -4.48 6.78 7.11
CA ALA A 287 -3.99 7.79 6.16
C ALA A 287 -2.78 7.25 5.41
N SER A 288 -1.80 6.70 6.11
CA SER A 288 -0.62 6.21 5.41
C SER A 288 -0.84 4.90 4.64
N ALA A 289 -1.67 4.01 5.12
CA ALA A 289 -1.98 2.82 4.28
C ALA A 289 -2.85 3.18 3.07
N GLY A 290 -3.59 4.28 3.18
CA GLY A 290 -4.64 4.65 2.21
C GLY A 290 -4.19 5.52 1.03
N HIS A 291 -3.07 6.23 1.19
CA HIS A 291 -2.69 7.29 0.26
C HIS A 291 -1.83 6.80 -0.90
N ASP A 292 -0.53 6.59 -0.67
CA ASP A 292 0.37 6.33 -1.80
C ASP A 292 -0.01 5.05 -2.50
N THR A 293 -0.53 4.10 -1.74
CA THR A 293 -0.88 2.80 -2.34
C THR A 293 -1.92 2.99 -3.45
N THR A 294 -3.02 3.68 -3.11
CA THR A 294 -4.11 3.96 -4.04
C THR A 294 -3.66 4.93 -5.13
N SER A 295 -2.74 5.84 -4.81
CA SER A 295 -2.11 6.66 -5.84
C SER A 295 -1.43 5.78 -6.90
N ALA A 296 -0.60 4.82 -6.46
CA ALA A 296 0.11 3.94 -7.38
C ALA A 296 -0.81 3.14 -8.32
N SER A 297 -1.85 2.50 -7.79
CA SER A 297 -2.70 1.68 -8.63
C SER A 297 -3.60 2.52 -9.53
N SER A 298 -4.05 3.68 -9.04
CA SER A 298 -4.80 4.65 -9.86
C SER A 298 -3.97 5.04 -11.09
N ALA A 299 -2.72 5.43 -10.82
CA ALA A 299 -1.69 5.74 -11.85
C ALA A 299 -1.43 4.60 -12.81
N GLY A 300 -1.20 3.40 -12.29
CA GLY A 300 -1.01 2.21 -13.13
C GLY A 300 -2.20 1.94 -14.03
N ALA A 301 -3.42 2.12 -13.50
CA ALA A 301 -4.64 1.96 -14.33
C ALA A 301 -4.72 3.01 -15.45
N ALA A 302 -4.35 4.25 -15.15
CA ALA A 302 -4.44 5.32 -16.18
C ALA A 302 -3.36 5.13 -17.23
N LEU A 303 -2.22 4.66 -16.76
CA LEU A 303 -1.09 4.28 -17.62
C LEU A 303 -1.49 3.19 -18.60
N ALA A 304 -2.09 2.12 -18.10
CA ALA A 304 -2.49 1.03 -18.99
C ALA A 304 -3.58 1.49 -19.98
N LEU A 305 -4.48 2.35 -19.54
CA LEU A 305 -5.52 2.88 -20.43
C LEU A 305 -4.96 3.80 -21.52
N ALA A 306 -3.97 4.61 -21.13
CA ALA A 306 -3.32 5.55 -22.01
C ALA A 306 -2.51 4.82 -23.08
N ARG A 307 -1.93 3.65 -22.74
CA ARG A 307 -1.07 2.91 -23.66
C ARG A 307 -1.85 1.93 -24.50
N ASP A 308 -3.14 1.74 -24.20
CA ASP A 308 -3.97 0.79 -24.95
C ASP A 308 -5.31 1.44 -25.34
N PRO A 309 -5.33 2.21 -26.44
CA PRO A 309 -6.54 2.97 -26.74
C PRO A 309 -7.72 2.11 -27.22
N ASP A 310 -7.47 0.89 -27.71
CA ASP A 310 -8.61 0.00 -28.01
C ASP A 310 -9.31 -0.40 -26.70
N LEU A 311 -8.51 -0.77 -25.69
CA LEU A 311 -9.10 -1.02 -24.34
C LEU A 311 -9.77 0.27 -23.77
N PHE A 312 -9.09 1.42 -23.87
CA PHE A 312 -9.69 2.70 -23.49
C PHE A 312 -11.11 2.84 -24.10
N ALA A 313 -11.21 2.59 -25.40
CA ALA A 313 -12.51 2.78 -26.08
C ALA A 313 -13.58 1.79 -25.61
N ARG A 314 -13.19 0.54 -25.39
CA ARG A 314 -14.17 -0.45 -24.92
C ARG A 314 -14.72 -0.15 -23.51
N VAL A 315 -13.86 0.23 -22.59
CA VAL A 315 -14.32 0.54 -21.23
C VAL A 315 -15.09 1.86 -21.27
N LYS A 316 -14.70 2.79 -22.16
CA LYS A 316 -15.46 4.01 -22.41
C LYS A 316 -16.91 3.67 -22.77
N ALA A 317 -17.10 2.68 -23.64
CA ALA A 317 -18.45 2.32 -24.10
C ALA A 317 -19.16 1.41 -23.11
N ASP A 318 -18.40 0.67 -22.31
CA ASP A 318 -19.00 -0.28 -21.33
C ASP A 318 -18.23 -0.28 -20.03
N ARG A 319 -18.81 0.43 -19.06
CA ARG A 319 -18.21 0.66 -17.79
C ARG A 319 -18.20 -0.59 -16.92
N ASN A 320 -18.95 -1.63 -17.30
CA ASN A 320 -18.88 -2.89 -16.55
C ASN A 320 -17.54 -3.59 -16.75
N LEU A 321 -16.73 -3.08 -17.68
CA LEU A 321 -15.36 -3.60 -17.84
C LEU A 321 -14.41 -3.04 -16.79
N LEU A 322 -14.88 -2.08 -16.01
CA LEU A 322 -14.01 -1.35 -15.09
C LEU A 322 -13.43 -2.18 -13.94
N PRO A 323 -14.28 -3.03 -13.29
CA PRO A 323 -13.74 -3.86 -12.20
C PRO A 323 -12.53 -4.73 -12.58
N GLY A 324 -12.55 -5.35 -13.76
CA GLY A 324 -11.42 -6.17 -14.24
C GLY A 324 -10.15 -5.36 -14.41
N ILE A 325 -10.35 -4.12 -14.87
CA ILE A 325 -9.26 -3.16 -15.11
C ILE A 325 -8.63 -2.65 -13.80
N VAL A 326 -9.50 -2.26 -12.85
CA VAL A 326 -9.11 -1.89 -11.50
C VAL A 326 -8.28 -2.98 -10.82
N GLU A 327 -8.86 -4.18 -10.74
CA GLU A 327 -8.21 -5.32 -10.11
C GLU A 327 -6.83 -5.58 -10.72
N GLU A 328 -6.76 -5.61 -12.06
CA GLU A 328 -5.50 -5.86 -12.76
C GLU A 328 -4.49 -4.74 -12.56
N ALA A 329 -4.96 -3.51 -12.43
CA ALA A 329 -4.04 -2.40 -12.18
C ALA A 329 -3.38 -2.56 -10.80
N ILE A 330 -4.15 -3.01 -9.81
CA ILE A 330 -3.60 -3.30 -8.52
C ILE A 330 -2.54 -4.43 -8.57
N ARG A 331 -2.86 -5.54 -9.25
CA ARG A 331 -1.89 -6.63 -9.42
C ARG A 331 -0.65 -6.19 -10.20
N TRP A 332 -0.88 -5.50 -11.31
CA TRP A 332 0.17 -5.19 -12.30
C TRP A 332 1.16 -4.13 -11.75
N THR A 333 0.64 -3.26 -10.89
CA THR A 333 1.42 -2.21 -10.21
C THR A 333 2.08 -2.71 -8.92
N THR A 334 1.37 -3.57 -8.19
CA THR A 334 1.73 -4.06 -6.84
C THR A 334 2.25 -2.91 -5.95
N PRO A 335 1.36 -1.99 -5.55
CA PRO A 335 1.77 -0.76 -4.83
C PRO A 335 2.55 -1.01 -3.54
N VAL A 336 2.13 -2.04 -2.78
CA VAL A 336 2.86 -2.47 -1.59
C VAL A 336 3.77 -3.60 -2.01
N GLN A 337 5.06 -3.33 -2.02
CA GLN A 337 5.97 -4.25 -2.65
C GLN A 337 6.48 -5.41 -1.78
N HIS A 338 6.56 -5.22 -0.47
CA HIS A 338 6.86 -6.31 0.46
C HIS A 338 6.30 -5.97 1.82
N PHE A 339 6.08 -6.99 2.65
CA PHE A 339 6.03 -6.82 4.10
C PHE A 339 6.95 -7.89 4.71
N MET A 340 7.40 -7.64 5.94
CA MET A 340 8.23 -8.58 6.68
C MET A 340 7.40 -9.24 7.73
N ARG A 341 7.95 -10.37 8.20
CA ARG A 341 7.47 -11.21 9.28
C ARG A 341 8.67 -11.72 10.11
N THR A 342 8.39 -12.15 11.33
CA THR A 342 9.37 -12.85 12.15
C THR A 342 8.76 -14.20 12.54
N ALA A 343 9.52 -15.28 12.39
CA ALA A 343 8.99 -16.60 12.77
C ALA A 343 8.99 -16.74 14.30
N ALA A 344 7.83 -17.13 14.83
CA ALA A 344 7.56 -17.29 16.26
C ALA A 344 8.24 -18.53 16.81
N THR A 345 8.47 -19.52 15.94
CA THR A 345 8.86 -20.85 16.31
C THR A 345 9.59 -21.46 15.10
N ASP A 346 10.34 -22.55 15.33
CA ASP A 346 10.91 -23.33 14.21
C ASP A 346 9.77 -23.84 13.35
N THR A 347 9.96 -23.79 12.04
CA THR A 347 8.91 -24.14 11.07
C THR A 347 9.50 -24.45 9.67
N GLU A 348 8.62 -24.76 8.70
CA GLU A 348 9.03 -25.00 7.31
C GLU A 348 8.17 -24.17 6.38
N LEU A 349 8.80 -23.62 5.35
CA LEU A 349 8.02 -22.91 4.34
C LEU A 349 8.46 -23.42 2.98
N CYS A 350 7.55 -23.98 2.18
CA CYS A 350 7.95 -24.58 0.89
C CYS A 350 9.03 -25.63 1.20
N GLY A 351 8.82 -26.41 2.25
CA GLY A 351 9.77 -27.45 2.60
C GLY A 351 11.11 -26.91 3.08
N GLN A 352 11.26 -25.59 3.12
CA GLN A 352 12.46 -25.01 3.69
C GLN A 352 12.39 -24.74 5.20
N LYS A 353 13.43 -25.13 5.93
CA LYS A 353 13.46 -24.94 7.35
C LYS A 353 13.77 -23.50 7.75
N ILE A 354 12.91 -22.97 8.61
CA ILE A 354 12.98 -21.60 9.06
C ILE A 354 13.09 -21.63 10.58
N ALA A 355 14.14 -21.00 11.11
CA ALA A 355 14.39 -21.01 12.57
C ALA A 355 13.60 -19.94 13.35
N ALA A 356 13.10 -20.29 14.53
CA ALA A 356 12.49 -19.34 15.48
C ALA A 356 13.26 -18.02 15.51
N GLY A 357 12.55 -16.91 15.38
CA GLY A 357 13.17 -15.58 15.30
C GLY A 357 13.82 -15.15 13.97
N ASP A 358 13.70 -15.98 12.94
CA ASP A 358 14.17 -15.61 11.61
C ASP A 358 13.28 -14.50 11.06
N TRP A 359 13.91 -13.53 10.38
CA TRP A 359 13.25 -12.43 9.67
C TRP A 359 12.96 -12.89 8.24
N LEU A 360 11.81 -12.51 7.72
CA LEU A 360 11.46 -12.91 6.36
C LEU A 360 10.81 -11.76 5.64
N MET A 361 11.13 -11.64 4.35
CA MET A 361 10.47 -10.73 3.42
C MET A 361 9.42 -11.44 2.56
N LEU A 362 8.17 -11.03 2.69
CA LEU A 362 7.13 -11.55 1.81
C LEU A 362 7.14 -10.55 0.66
N ASN A 363 7.60 -10.98 -0.50
CA ASN A 363 7.77 -10.04 -1.57
C ASN A 363 6.62 -10.16 -2.54
N TYR A 364 5.74 -9.17 -2.53
CA TYR A 364 4.48 -9.25 -3.27
C TYR A 364 4.70 -8.94 -4.75
N VAL A 365 5.75 -8.20 -5.07
CA VAL A 365 6.07 -7.98 -6.49
C VAL A 365 6.41 -9.35 -7.10
N ALA A 366 7.29 -10.09 -6.42
CA ALA A 366 7.68 -11.43 -6.87
C ALA A 366 6.46 -12.34 -6.88
N ALA A 367 5.62 -12.27 -5.85
CA ALA A 367 4.46 -13.14 -5.80
C ALA A 367 3.42 -12.85 -6.93
N ASN A 368 3.15 -11.57 -7.19
CA ASN A 368 2.17 -11.21 -8.21
C ASN A 368 2.66 -11.38 -9.67
N HIS A 369 3.90 -11.75 -9.86
CA HIS A 369 4.41 -11.97 -11.21
C HIS A 369 4.85 -13.42 -11.43
N ASP A 370 4.34 -14.31 -10.56
CA ASP A 370 4.63 -15.73 -10.58
C ASP A 370 3.81 -16.41 -11.70
N PRO A 371 4.50 -17.01 -12.69
CA PRO A 371 3.76 -17.63 -13.80
C PRO A 371 3.01 -18.90 -13.37
N ALA A 372 3.28 -19.41 -12.17
CA ALA A 372 2.50 -20.53 -11.62
C ALA A 372 1.06 -20.11 -11.46
N GLN A 373 0.82 -18.87 -11.10
CA GLN A 373 -0.54 -18.36 -10.98
C GLN A 373 -1.03 -17.48 -12.14
N PHE A 374 -0.14 -16.75 -12.79
CA PHE A 374 -0.57 -15.71 -13.76
C PHE A 374 0.00 -16.00 -15.14
N PRO A 375 -0.86 -16.45 -16.08
CA PRO A 375 -0.36 -16.65 -17.45
C PRO A 375 0.10 -15.29 -18.01
N GLU A 376 1.25 -15.28 -18.68
CA GLU A 376 1.91 -14.05 -19.14
C GLU A 376 1.91 -13.00 -18.02
N PRO A 377 2.59 -13.29 -16.89
CA PRO A 377 2.56 -12.49 -15.68
C PRO A 377 2.85 -11.01 -15.95
N ARG A 378 3.63 -10.73 -16.97
CA ARG A 378 3.93 -9.36 -17.33
C ARG A 378 2.82 -8.53 -17.98
N LYS A 379 1.95 -9.19 -18.70
CA LYS A 379 0.93 -8.47 -19.49
C LYS A 379 -0.09 -7.85 -18.56
N PHE A 380 -0.48 -6.61 -18.85
CA PHE A 380 -1.63 -6.04 -18.18
C PHE A 380 -2.85 -6.69 -18.83
N ASP A 381 -3.53 -7.53 -18.07
CA ASP A 381 -4.67 -8.32 -18.61
C ASP A 381 -5.93 -8.21 -17.69
N PRO A 382 -6.93 -7.39 -18.11
CA PRO A 382 -8.07 -7.14 -17.23
C PRO A 382 -9.04 -8.32 -17.18
N THR A 383 -8.79 -9.34 -18.00
CA THR A 383 -9.67 -10.48 -18.01
C THR A 383 -9.32 -11.42 -16.86
N ARG A 384 -8.22 -11.21 -16.14
CA ARG A 384 -7.92 -12.06 -14.95
C ARG A 384 -9.03 -12.01 -13.91
N PRO A 385 -9.24 -13.11 -13.16
CA PRO A 385 -10.36 -13.08 -12.17
C PRO A 385 -10.07 -12.27 -10.89
N ALA A 386 -11.13 -11.75 -10.27
CA ALA A 386 -11.02 -10.98 -9.02
C ALA A 386 -10.59 -11.84 -7.84
N ASN A 387 -10.01 -11.18 -6.87
CA ASN A 387 -9.67 -11.74 -5.61
C ASN A 387 -8.72 -12.92 -5.70
N ARG A 388 -7.75 -12.87 -6.56
CA ARG A 388 -6.81 -13.94 -6.71
C ARG A 388 -5.35 -13.50 -6.72
N HIS A 389 -5.09 -12.24 -6.53
CA HIS A 389 -3.69 -11.79 -6.40
C HIS A 389 -3.28 -11.56 -4.95
N LEU A 390 -2.02 -11.21 -4.74
CA LEU A 390 -1.53 -11.03 -3.40
C LEU A 390 -1.17 -9.57 -3.07
N ALA A 391 -1.63 -8.61 -3.89
CA ALA A 391 -1.31 -7.19 -3.65
C ALA A 391 -1.93 -6.67 -2.36
N PHE A 392 -3.05 -7.25 -1.95
CA PHE A 392 -3.64 -6.96 -0.64
C PHE A 392 -3.21 -7.96 0.50
N GLY A 393 -2.25 -8.81 0.20
CA GLY A 393 -1.87 -9.87 1.15
C GLY A 393 -3.05 -10.83 1.34
N ALA A 394 -3.00 -11.55 2.46
CA ALA A 394 -3.93 -12.62 2.77
C ALA A 394 -3.73 -12.93 4.23
N GLY A 395 -4.67 -13.63 4.83
CA GLY A 395 -4.55 -14.00 6.24
C GLY A 395 -5.09 -12.85 7.06
N SER A 396 -4.73 -12.84 8.35
CA SER A 396 -5.40 -11.97 9.33
C SER A 396 -5.13 -10.44 9.23
N HIS A 397 -4.02 -10.05 8.58
CA HIS A 397 -3.75 -8.64 8.28
C HIS A 397 -4.22 -8.19 6.88
N GLN A 398 -4.92 -9.06 6.13
CA GLN A 398 -5.26 -8.76 4.75
C GLN A 398 -5.90 -7.37 4.73
N CYS A 399 -5.51 -6.57 3.73
CA CYS A 399 -5.79 -5.13 3.67
C CYS A 399 -7.19 -4.77 4.13
N LEU A 400 -7.31 -3.96 5.17
CA LEU A 400 -8.65 -3.55 5.62
C LEU A 400 -9.39 -2.74 4.58
N GLY A 401 -8.63 -1.95 3.82
CA GLY A 401 -9.21 -0.97 2.89
C GLY A 401 -9.37 -1.43 1.45
N LEU A 402 -9.21 -2.72 1.19
CA LEU A 402 -9.17 -3.16 -0.20
C LEU A 402 -10.47 -2.83 -0.99
N HIS A 403 -11.63 -2.88 -0.34
CA HIS A 403 -12.87 -2.50 -1.02
C HIS A 403 -12.93 -1.02 -1.30
N LEU A 404 -12.47 -0.21 -0.35
CA LEU A 404 -12.38 1.22 -0.55
C LEU A 404 -11.40 1.60 -1.66
N ALA A 405 -10.18 1.04 -1.64
CA ALA A 405 -9.22 1.22 -2.72
C ALA A 405 -9.86 0.94 -4.07
N ARG A 406 -10.42 -0.27 -4.23
CA ARG A 406 -11.08 -0.63 -5.47
C ARG A 406 -12.14 0.39 -5.87
N LEU A 407 -12.94 0.84 -4.88
CA LEU A 407 -14.03 1.75 -5.10
C LEU A 407 -13.48 3.11 -5.53
N GLU A 408 -12.42 3.57 -4.85
CA GLU A 408 -11.81 4.86 -5.23
C GLU A 408 -11.37 4.84 -6.71
N MET A 409 -10.78 3.73 -7.12
CA MET A 409 -10.26 3.64 -8.47
C MET A 409 -11.37 3.57 -9.50
N ARG A 410 -12.41 2.80 -9.19
CA ARG A 410 -13.53 2.60 -10.12
C ARG A 410 -14.20 3.95 -10.36
N VAL A 411 -14.45 4.67 -9.28
CA VAL A 411 -15.13 5.96 -9.38
C VAL A 411 -14.28 6.94 -10.16
N LEU A 412 -12.99 7.07 -9.80
CA LEU A 412 -12.07 8.01 -10.50
C LEU A 412 -12.07 7.75 -12.00
N LEU A 413 -11.93 6.48 -12.35
CA LEU A 413 -11.80 6.08 -13.74
C LEU A 413 -13.12 6.29 -14.49
N ASP A 414 -14.24 6.25 -13.79
CA ASP A 414 -15.53 6.40 -14.43
C ASP A 414 -15.62 7.84 -14.83
N VAL A 415 -15.22 8.71 -13.91
CA VAL A 415 -15.23 10.16 -14.12
C VAL A 415 -14.28 10.55 -15.25
N LEU A 416 -13.08 9.97 -15.26
CA LEU A 416 -12.09 10.24 -16.29
C LEU A 416 -12.67 9.87 -17.66
N LEU A 417 -13.23 8.67 -17.73
CA LEU A 417 -13.76 8.12 -18.96
C LEU A 417 -14.91 8.97 -19.56
N ASP A 418 -15.78 9.54 -18.71
CA ASP A 418 -16.84 10.46 -19.17
C ASP A 418 -16.21 11.73 -19.74
N ARG A 419 -15.10 12.17 -19.15
CA ARG A 419 -14.66 13.53 -19.41
C ARG A 419 -13.52 13.69 -20.41
N VAL A 420 -12.88 12.57 -20.80
CA VAL A 420 -11.88 12.57 -21.91
C VAL A 420 -12.30 11.67 -23.06
N ASP A 421 -12.11 12.15 -24.30
CA ASP A 421 -12.32 11.36 -25.52
C ASP A 421 -11.10 10.54 -25.90
N SER A 422 -9.94 10.98 -25.41
CA SER A 422 -8.67 10.48 -25.90
C SER A 422 -7.60 10.66 -24.85
N LEU A 423 -6.73 9.68 -24.68
CA LEU A 423 -5.66 9.77 -23.69
C LEU A 423 -4.40 9.08 -24.18
N GLU A 424 -3.25 9.68 -23.94
CA GLU A 424 -2.04 9.00 -24.33
C GLU A 424 -0.88 9.58 -23.54
N LEU A 425 0.23 8.87 -23.61
CA LEU A 425 1.43 9.26 -22.96
C LEU A 425 2.02 10.37 -23.78
N ALA A 426 2.65 11.28 -23.04
CA ALA A 426 3.36 12.39 -23.63
C ALA A 426 4.76 12.39 -23.08
N GLY A 427 5.31 11.22 -22.82
CA GLY A 427 6.72 11.15 -22.34
C GLY A 427 6.90 9.85 -21.58
N GLU A 428 8.01 9.70 -20.87
CA GLU A 428 8.22 8.43 -20.22
C GLU A 428 7.68 8.35 -18.80
N PRO A 429 6.96 7.25 -18.49
CA PRO A 429 6.48 7.00 -17.13
C PRO A 429 7.68 6.66 -16.26
N LYS A 430 7.80 7.29 -15.09
CA LYS A 430 8.89 7.01 -14.17
C LYS A 430 8.34 6.46 -12.86
N ARG A 431 8.90 5.34 -12.42
CA ARG A 431 8.55 4.76 -11.15
C ARG A 431 9.35 5.38 -10.00
N VAL A 432 8.74 5.40 -8.80
CA VAL A 432 9.45 5.87 -7.61
C VAL A 432 10.52 4.86 -7.21
N ASN A 433 11.64 5.35 -6.71
CA ASN A 433 12.68 4.46 -6.16
C ASN A 433 12.45 4.23 -4.69
N SER A 434 11.80 3.13 -4.34
CA SER A 434 11.50 2.81 -2.97
C SER A 434 11.33 1.30 -2.84
N THR A 435 11.62 0.75 -1.66
CA THR A 435 11.54 -0.67 -1.38
C THR A 435 10.17 -1.09 -0.83
N PHE A 436 9.47 -0.19 -0.14
CA PHE A 436 8.21 -0.53 0.53
C PHE A 436 6.99 -0.29 -0.32
N VAL A 437 6.53 0.96 -0.39
CA VAL A 437 5.44 1.30 -1.27
C VAL A 437 6.06 1.97 -2.49
N GLY A 438 5.78 1.42 -3.70
CA GLY A 438 6.22 1.96 -4.96
C GLY A 438 5.16 2.80 -5.68
N GLY A 439 5.15 2.88 -6.99
CA GLY A 439 4.28 3.86 -7.63
C GLY A 439 4.98 4.64 -8.72
N PHE A 440 4.45 5.83 -9.02
CA PHE A 440 4.96 6.67 -10.11
C PHE A 440 5.27 8.09 -9.66
N LYS A 441 6.48 8.51 -9.97
CA LYS A 441 7.07 9.80 -9.65
C LYS A 441 6.46 10.81 -10.64
N SER A 442 6.10 10.31 -11.83
CA SER A 442 5.94 11.18 -12.99
C SER A 442 5.22 10.44 -14.10
N LEU A 443 4.15 11.02 -14.62
CA LEU A 443 3.34 10.37 -15.62
C LEU A 443 2.77 11.38 -16.63
N PRO A 444 3.65 11.91 -17.50
CA PRO A 444 3.21 12.93 -18.47
C PRO A 444 2.30 12.33 -19.52
N MET A 445 1.13 12.98 -19.68
CA MET A 445 0.10 12.51 -20.58
C MET A 445 -0.49 13.64 -21.45
N ARG A 446 -1.33 13.28 -22.42
CA ARG A 446 -1.90 14.28 -23.32
C ARG A 446 -3.30 13.76 -23.52
N TRP A 447 -4.29 14.65 -23.64
CA TRP A 447 -5.68 14.21 -23.77
C TRP A 447 -6.56 15.20 -24.54
N LYS A 448 -7.76 14.77 -24.90
CA LYS A 448 -8.71 15.63 -25.58
C LYS A 448 -9.96 15.53 -24.74
N ALA A 449 -10.43 16.68 -24.29
CA ALA A 449 -11.65 16.79 -23.49
C ALA A 449 -12.88 16.35 -24.27
N ALA A 450 -13.65 15.43 -23.70
CA ALA A 450 -14.98 15.14 -24.25
C ALA A 450 -15.83 16.43 -24.26
CHA HEM B . -2.96 -3.53 5.21
CHB HEM B . -2.06 -3.19 0.50
CHC HEM B . -5.19 0.50 0.26
CHD HEM B . -5.93 0.34 5.02
C1A HEM B . -2.45 -3.81 3.96
C2A HEM B . -1.55 -4.91 3.62
C3A HEM B . -1.28 -4.81 2.30
C4A HEM B . -2.04 -3.66 1.80
CMA HEM B . -0.37 -5.73 1.44
CAA HEM B . -1.00 -5.97 4.61
CBA HEM B . -1.72 -7.29 4.36
CGA HEM B . -1.03 -8.46 5.03
O1A HEM B . -1.40 -9.63 4.73
O2A HEM B . -0.07 -8.25 5.84
C1B HEM B . -2.86 -2.18 0.00
C2B HEM B . -2.97 -1.76 -1.39
C3B HEM B . -3.83 -0.73 -1.45
C4B HEM B . -4.26 -0.46 -0.10
CMB HEM B . -2.19 -2.46 -2.50
CAB HEM B . -4.31 0.09 -2.69
CBB HEM B . -4.18 -0.40 -3.92
C1C HEM B . -5.69 0.76 1.49
C2C HEM B . -6.67 1.79 1.82
C3C HEM B . -6.85 1.73 3.15
C4C HEM B . -6.01 0.70 3.68
CMC HEM B . -7.34 2.77 0.79
CAC HEM B . -7.77 2.58 4.06
CBC HEM B . -8.04 3.86 3.80
C1D HEM B . -5.16 -0.68 5.53
C2D HEM B . -5.04 -0.99 6.91
C3D HEM B . -4.13 -2.18 6.96
C4D HEM B . -3.78 -2.49 5.60
CMD HEM B . -5.67 -0.28 8.12
CAD HEM B . -3.68 -2.92 8.22
CBD HEM B . -4.56 -4.18 8.30
CGD HEM B . -4.14 -5.05 9.46
O1D HEM B . -5.00 -5.82 9.95
O2D HEM B . -2.96 -4.95 9.92
NA HEM B . -2.73 -3.07 2.83
NB HEM B . -3.65 -1.34 0.76
NC HEM B . -5.32 0.11 2.64
ND HEM B . -4.41 -1.59 4.79
FE HEM B . -4.26 -1.65 2.68
#